data_4NF8
#
_entry.id   4NF8
#
_cell.length_a   54.377
_cell.length_b   89.653
_cell.length_c   125.414
_cell.angle_alpha   90.00
_cell.angle_beta   90.00
_cell.angle_gamma   90.00
#
_symmetry.space_group_name_H-M   'P 21 21 21'
#
loop_
_entity.id
_entity.type
_entity.pdbx_description
1 polymer 'Glutamate receptor ionotropic, NMDA 1'
2 polymer 'Glutamate receptor ionotropic, NMDA 2A'
3 non-polymer GLYCINE
4 non-polymer 'GLUTAMIC ACID'
5 water water
#
loop_
_entity_poly.entity_id
_entity_poly.type
_entity_poly.pdbx_seq_one_letter_code
_entity_poly.pdbx_strand_id
1 'polypeptide(L)'
;GMSTRLKIVTIHQEPFVYVKPTMSDGTCKEEFTVNGDPVKKVICTGPNDTSPGSPRHTVPQCCYGFCIDLLIKLARTMNF
TYEVHLVADGKFGTQERVNNSNKKEWNGMMGELLSGQADMIVAPLTINNERAQYIEFSKPFKYQGLTILVKKGTRITGIN
DPRLRNPSDKFIYATVKQSSVDIYFRRQVELSTMYRHMEKHNYESAAEAIQAVRDNKLHAFIWDSAVLEFEASQKCDLVT
TGELFFRSGFGIGMRKDSPWKQNVSLSILKSHENGFMEDLDKTWVRYQECDS
;
A
2 'polypeptide(L)'
;SDDNHLSIVTLEEAPFVIVEDIDPLTETCVRNTVPCRKFVKINNSTNEGMNVKKCCKGFCIDILKKLSRTVKFTYDLYLV
TNGKHGKKVNNVWNGMIGEVVYQRAVMAVGSLTINEERSEVVDFSVPFVETGISVMVSRGTQVTGLSDKKFQRPHDYSPP
FRFGTVPNGSTERNIRNNYPYMHQYMTRFNQRGVEDALVSLKTGKLDAFIYDAAVLNYKAGRDEGCKLVTIGSGYIFATT
GYGIALQKGSPWKRQIDLALLQFVGDGEMEELETLWLTGICHN
;
B
#
# COMPACT_ATOMS: atom_id res chain seq x y z
N SER A 3 32.50 -4.59 7.87
CA SER A 3 32.13 -4.73 6.46
C SER A 3 32.28 -3.41 5.72
N THR A 4 31.14 -2.79 5.40
CA THR A 4 31.11 -1.49 4.73
C THR A 4 29.84 -0.70 5.10
N ARG A 5 29.90 0.61 4.98
CA ARG A 5 28.71 1.44 5.15
C ARG A 5 27.82 1.23 3.95
N LEU A 6 26.50 1.33 4.12
CA LEU A 6 25.59 1.27 2.98
C LEU A 6 25.52 2.62 2.30
N LYS A 7 25.59 2.63 0.98
CA LYS A 7 25.37 3.85 0.21
C LYS A 7 23.88 4.03 -0.06
N ILE A 8 23.32 5.11 0.48
CA ILE A 8 21.90 5.38 0.33
C ILE A 8 21.74 6.46 -0.73
N VAL A 9 20.88 6.22 -1.72
CA VAL A 9 20.60 7.29 -2.67
C VAL A 9 19.20 7.79 -2.40
N THR A 10 19.03 9.10 -2.49
CA THR A 10 17.71 9.68 -2.32
C THR A 10 17.53 10.82 -3.30
N ILE A 11 16.44 11.56 -3.16
CA ILE A 11 16.10 12.60 -4.11
C ILE A 11 15.35 13.71 -3.39
N HIS A 12 15.50 14.96 -3.86
CA HIS A 12 14.76 16.06 -3.28
C HIS A 12 13.28 15.85 -3.59
N GLN A 13 12.45 15.84 -2.56
CA GLN A 13 11.01 15.63 -2.75
C GLN A 13 10.29 15.89 -1.43
N GLU A 14 9.96 17.15 -1.18
CA GLU A 14 9.24 17.50 0.05
C GLU A 14 7.85 16.88 -0.01
N PRO A 15 7.34 16.39 1.13
CA PRO A 15 7.91 16.45 2.48
C PRO A 15 8.72 15.21 2.86
N PHE A 16 9.03 14.35 1.89
CA PHE A 16 9.76 13.13 2.19
C PHE A 16 11.25 13.40 2.35
N VAL A 17 11.80 14.24 1.49
CA VAL A 17 13.20 14.63 1.59
C VAL A 17 13.35 16.12 1.32
N TYR A 18 13.70 16.86 2.38
CA TYR A 18 14.09 18.26 2.26
C TYR A 18 15.60 18.30 2.07
N VAL A 19 16.09 19.27 1.30
CA VAL A 19 17.51 19.41 1.06
C VAL A 19 17.87 20.88 1.22
N LYS A 20 18.75 21.19 2.18
CA LYS A 20 19.10 22.56 2.48
C LYS A 20 20.62 22.65 2.54
N PRO A 21 21.17 23.86 2.29
CA PRO A 21 22.62 24.06 2.42
C PRO A 21 23.10 23.84 3.86
N THR A 22 24.36 23.42 4.03
CA THR A 22 24.96 23.36 5.36
C THR A 22 25.23 24.77 5.84
N MET A 23 25.44 24.93 7.14
CA MET A 23 25.93 26.21 7.64
C MET A 23 27.42 26.34 7.28
N SER A 24 27.94 27.56 7.39
CA SER A 24 29.34 27.86 7.08
C SER A 24 30.34 26.85 7.62
N ASP A 25 30.10 26.35 8.82
CA ASP A 25 31.03 25.41 9.44
C ASP A 25 30.86 23.97 8.92
N GLY A 26 29.94 23.80 7.97
CA GLY A 26 29.73 22.51 7.34
C GLY A 26 28.78 21.60 8.08
N THR A 27 28.11 22.10 9.10
CA THR A 27 27.15 21.29 9.85
C THR A 27 25.73 21.69 9.48
N CYS A 28 24.76 20.93 9.97
CA CYS A 28 23.33 21.20 9.71
CA CYS A 28 23.36 21.25 9.69
C CYS A 28 22.71 22.00 10.85
N LYS A 29 22.01 23.08 10.53
CA LYS A 29 21.38 23.89 11.57
C LYS A 29 20.35 23.09 12.36
N GLU A 30 20.43 23.16 13.69
CA GLU A 30 19.47 22.44 14.52
C GLU A 30 18.10 23.12 14.53
N GLU A 31 17.07 22.38 14.12
CA GLU A 31 15.71 22.90 14.09
C GLU A 31 14.79 21.93 14.79
N PHE A 32 13.52 22.29 14.91
CA PHE A 32 12.58 21.46 15.68
C PHE A 32 11.30 21.22 14.91
N THR A 33 10.75 20.01 15.07
CA THR A 33 9.51 19.63 14.40
C THR A 33 8.35 20.45 14.95
N VAL A 34 7.20 20.27 14.33
CA VAL A 34 5.99 20.95 14.76
C VAL A 34 5.44 20.39 16.08
N ASN A 35 6.01 19.27 16.52
CA ASN A 35 5.69 18.67 17.82
C ASN A 35 6.72 19.10 18.86
N GLY A 36 7.71 19.88 18.44
CA GLY A 36 8.72 20.41 19.35
C GLY A 36 9.97 19.56 19.50
N ASP A 37 9.99 18.39 18.87
CA ASP A 37 11.13 17.49 18.92
C ASP A 37 12.23 17.95 17.96
N PRO A 38 13.49 17.53 18.22
CA PRO A 38 14.54 17.98 17.29
C PRO A 38 14.43 17.26 15.95
N VAL A 39 14.62 18.00 14.87
CA VAL A 39 14.65 17.40 13.54
C VAL A 39 15.96 16.65 13.36
N LYS A 40 15.87 15.37 13.02
CA LYS A 40 17.07 14.59 12.75
C LYS A 40 17.53 14.90 11.33
N LYS A 41 18.76 15.38 11.20
CA LYS A 41 19.27 15.70 9.86
C LYS A 41 20.52 14.88 9.60
N VAL A 42 20.74 14.56 8.34
CA VAL A 42 21.94 13.85 7.92
CA VAL A 42 21.99 13.92 7.98
C VAL A 42 22.66 14.68 6.85
N ILE A 43 23.98 14.55 6.78
CA ILE A 43 24.74 15.17 5.70
C ILE A 43 24.52 14.32 4.46
N CYS A 44 24.09 14.96 3.38
CA CYS A 44 23.90 14.25 2.13
C CYS A 44 24.62 15.02 1.05
N THR A 45 25.45 14.34 0.29
CA THR A 45 26.19 15.00 -0.78
C THR A 45 25.37 14.97 -2.06
N GLY A 46 25.47 16.02 -2.85
CA GLY A 46 24.77 16.08 -4.11
C GLY A 46 25.25 17.21 -4.98
N PRO A 47 24.91 17.18 -6.26
CA PRO A 47 25.30 18.21 -7.20
C PRO A 47 24.71 19.52 -6.81
N ASN A 48 25.45 20.60 -6.99
CA ASN A 48 24.87 21.91 -6.76
C ASN A 48 24.46 22.59 -8.07
N ASP A 49 24.93 22.05 -9.19
CA ASP A 49 24.34 22.35 -10.49
C ASP A 49 23.38 21.27 -11.00
N THR A 50 22.13 21.66 -11.20
CA THR A 50 21.09 20.69 -11.51
C THR A 50 20.49 20.95 -12.90
N SER A 51 21.07 21.89 -13.64
CA SER A 51 20.63 22.18 -15.00
C SER A 51 21.09 21.09 -15.97
N PRO A 52 20.22 20.70 -16.92
CA PRO A 52 20.49 19.56 -17.81
C PRO A 52 21.66 19.80 -18.75
N GLY A 53 22.54 18.81 -18.88
CA GLY A 53 23.69 18.89 -19.75
C GLY A 53 24.93 19.46 -19.07
N SER A 54 24.84 19.62 -17.76
CA SER A 54 25.89 20.30 -16.97
C SER A 54 26.66 19.32 -16.07
N PRO A 55 27.92 19.66 -15.74
CA PRO A 55 28.74 18.84 -14.84
C PRO A 55 28.11 18.73 -13.45
N ARG A 56 28.33 17.61 -12.77
CA ARG A 56 27.65 17.28 -11.53
CA ARG A 56 27.64 17.34 -11.51
C ARG A 56 28.59 17.20 -10.32
N HIS A 57 29.49 18.16 -10.15
CA HIS A 57 30.37 18.10 -8.98
C HIS A 57 29.56 18.38 -7.70
N THR A 58 29.81 17.58 -6.67
CA THR A 58 28.93 17.53 -5.50
C THR A 58 29.45 18.38 -4.35
N VAL A 59 28.51 18.78 -3.49
CA VAL A 59 28.79 19.52 -2.27
C VAL A 59 28.03 18.83 -1.14
N PRO A 60 28.59 18.80 0.08
CA PRO A 60 27.77 18.31 1.19
C PRO A 60 26.58 19.23 1.41
N GLN A 61 25.42 18.63 1.70
CA GLN A 61 24.21 19.37 1.97
C GLN A 61 23.48 18.69 3.14
N CYS A 62 22.35 19.27 3.54
CA CYS A 62 21.60 18.79 4.68
CA CYS A 62 21.59 18.74 4.68
C CYS A 62 20.26 18.18 4.23
N CYS A 63 19.98 16.94 4.62
CA CYS A 63 18.73 16.26 4.28
CA CYS A 63 18.67 16.40 4.33
C CYS A 63 17.94 15.86 5.53
N TYR A 64 16.62 15.96 5.47
CA TYR A 64 15.76 15.54 6.56
C TYR A 64 14.38 15.33 5.99
N GLY A 65 13.46 14.77 6.80
CA GLY A 65 12.10 14.57 6.34
C GLY A 65 11.62 13.15 6.64
N PHE A 66 10.44 12.81 6.13
CA PHE A 66 9.84 11.48 6.32
C PHE A 66 10.81 10.34 5.99
N CYS A 67 11.43 10.42 4.81
CA CYS A 67 12.28 9.32 4.35
C CYS A 67 13.59 9.24 5.13
N ILE A 68 14.08 10.38 5.59
CA ILE A 68 15.29 10.40 6.40
C ILE A 68 14.99 9.82 7.80
N ASP A 69 13.85 10.18 8.39
CA ASP A 69 13.45 9.56 9.65
C ASP A 69 13.30 8.05 9.49
N LEU A 70 12.69 7.63 8.39
CA LEU A 70 12.57 6.20 8.11
C LEU A 70 13.93 5.52 7.95
N LEU A 71 14.84 6.14 7.20
CA LEU A 71 16.20 5.59 7.06
C LEU A 71 16.86 5.41 8.42
N ILE A 72 16.74 6.42 9.28
CA ILE A 72 17.37 6.40 10.59
C ILE A 72 16.79 5.27 11.43
N LYS A 73 15.48 5.12 11.38
CA LYS A 73 14.82 4.00 12.06
C LYS A 73 15.31 2.65 11.54
N LEU A 74 15.41 2.52 10.21
CA LEU A 74 15.90 1.27 9.62
C LEU A 74 17.32 0.98 10.06
N ALA A 75 18.18 1.99 10.02
CA ALA A 75 19.59 1.81 10.32
C ALA A 75 19.78 1.36 11.76
N ARG A 76 19.04 2.00 12.66
CA ARG A 76 19.08 1.63 14.08
C ARG A 76 18.51 0.23 14.32
N THR A 77 17.37 -0.07 13.71
CA THR A 77 16.71 -1.36 13.83
C THR A 77 17.57 -2.52 13.37
N MET A 78 18.16 -2.37 12.19
CA MET A 78 18.88 -3.48 11.57
C MET A 78 20.39 -3.36 11.73
N ASN A 79 20.82 -2.26 12.33
CA ASN A 79 22.20 -2.10 12.78
C ASN A 79 23.20 -2.00 11.62
N PHE A 80 22.93 -1.08 10.68
CA PHE A 80 23.91 -0.74 9.65
C PHE A 80 24.25 0.74 9.71
N THR A 81 25.43 1.10 9.22
CA THR A 81 25.77 2.51 9.04
C THR A 81 25.61 2.86 7.57
N TYR A 82 25.58 4.16 7.27
CA TYR A 82 25.22 4.58 5.93
C TYR A 82 25.84 5.92 5.62
N GLU A 83 25.87 6.24 4.33
CA GLU A 83 26.17 7.59 3.89
C GLU A 83 25.15 7.91 2.80
N VAL A 84 24.57 9.09 2.88
CA VAL A 84 23.51 9.48 1.97
C VAL A 84 24.02 10.41 0.88
N HIS A 85 23.64 10.13 -0.37
CA HIS A 85 23.84 11.09 -1.46
C HIS A 85 22.58 11.27 -2.28
N LEU A 86 22.47 12.44 -2.92
CA LEU A 86 21.35 12.73 -3.81
C LEU A 86 21.66 12.20 -5.20
N VAL A 87 20.65 11.62 -5.87
CA VAL A 87 20.85 11.01 -7.19
C VAL A 87 21.43 12.05 -8.16
N ALA A 88 22.49 11.68 -8.88
CA ALA A 88 23.23 12.67 -9.67
C ALA A 88 22.42 13.34 -10.80
N ASP A 89 21.57 12.58 -11.50
CA ASP A 89 20.81 13.16 -12.60
C ASP A 89 19.47 13.75 -12.16
N GLY A 90 19.18 13.64 -10.87
CA GLY A 90 17.99 14.28 -10.31
C GLY A 90 16.68 13.58 -10.64
N LYS A 91 16.76 12.33 -11.13
CA LYS A 91 15.57 11.62 -11.59
C LYS A 91 15.26 10.37 -10.77
N PHE A 92 13.98 9.97 -10.77
CA PHE A 92 13.60 8.75 -10.07
C PHE A 92 14.08 7.50 -10.79
N GLY A 93 13.79 7.39 -12.07
CA GLY A 93 14.35 6.29 -12.82
C GLY A 93 13.36 5.56 -13.70
N THR A 94 13.64 5.60 -15.01
CA THR A 94 12.93 4.84 -16.02
C THR A 94 13.93 4.09 -16.87
N GLN A 95 13.46 3.11 -17.63
CA GLN A 95 14.32 2.37 -18.55
C GLN A 95 14.08 2.90 -19.97
N GLU A 96 15.12 3.40 -20.62
CA GLU A 96 14.96 4.03 -21.93
C GLU A 96 15.76 3.35 -23.05
N ARG A 97 15.22 3.37 -24.26
CA ARG A 97 15.95 2.84 -25.41
C ARG A 97 17.19 3.70 -25.63
N VAL A 98 18.33 3.07 -25.96
CA VAL A 98 19.55 3.82 -26.24
C VAL A 98 19.76 4.11 -27.72
N SER A 101 20.74 2.52 -31.07
CA SER A 101 21.10 1.28 -30.40
C SER A 101 19.87 0.47 -29.95
N ASN A 102 20.09 -0.80 -29.64
CA ASN A 102 19.02 -1.71 -29.19
C ASN A 102 19.10 -1.97 -27.69
N LYS A 103 20.07 -1.32 -27.04
CA LYS A 103 20.21 -1.41 -25.60
C LYS A 103 19.08 -0.66 -24.91
N LYS A 104 18.81 -1.04 -23.66
CA LYS A 104 17.98 -0.23 -22.78
C LYS A 104 18.80 0.07 -21.53
N GLU A 105 18.67 1.29 -21.01
CA GLU A 105 19.43 1.67 -19.82
C GLU A 105 18.51 2.29 -18.78
N TRP A 106 18.77 2.00 -17.51
CA TRP A 106 18.06 2.65 -16.39
C TRP A 106 18.77 3.96 -16.02
N ASN A 107 18.00 5.03 -15.85
CA ASN A 107 18.56 6.29 -15.37
C ASN A 107 18.11 6.52 -13.93
N GLY A 108 18.40 7.69 -13.37
CA GLY A 108 17.95 8.04 -12.03
C GLY A 108 18.43 7.10 -10.92
N MET A 109 17.66 7.03 -9.84
CA MET A 109 18.01 6.21 -8.69
C MET A 109 18.05 4.74 -9.06
N MET A 110 17.13 4.34 -9.95
CA MET A 110 17.12 2.96 -10.47
C MET A 110 18.49 2.63 -11.06
N GLY A 111 19.03 3.53 -11.88
CA GLY A 111 20.33 3.31 -12.50
C GLY A 111 21.48 3.27 -11.51
N GLU A 112 21.45 4.17 -10.54
CA GLU A 112 22.45 4.17 -9.46
C GLU A 112 22.44 2.91 -8.61
N LEU A 113 21.24 2.41 -8.30
CA LEU A 113 21.13 1.18 -7.51
C LEU A 113 21.65 -0.03 -8.31
N LEU A 114 21.30 -0.09 -9.58
CA LEU A 114 21.68 -1.26 -10.39
C LEU A 114 23.17 -1.26 -10.69
N SER A 115 23.78 -0.07 -10.69
CA SER A 115 25.19 0.05 -11.05
C SER A 115 26.10 -0.08 -9.83
N GLY A 116 25.52 -0.08 -8.65
CA GLY A 116 26.32 -0.18 -7.44
C GLY A 116 26.73 1.18 -6.90
N GLN A 117 26.34 2.25 -7.57
CA GLN A 117 26.55 3.59 -7.02
C GLN A 117 25.80 3.78 -5.69
N ALA A 118 24.72 3.01 -5.53
CA ALA A 118 23.91 3.03 -4.32
C ALA A 118 23.64 1.60 -3.92
N ASP A 119 23.41 1.37 -2.62
CA ASP A 119 23.06 0.04 -2.14
C ASP A 119 21.59 -0.05 -1.74
N MET A 120 20.97 1.12 -1.62
CA MET A 120 19.57 1.18 -1.21
C MET A 120 18.99 2.51 -1.63
N ILE A 121 17.78 2.49 -2.17
CA ILE A 121 17.09 3.73 -2.52
C ILE A 121 16.12 4.01 -1.38
N VAL A 122 16.25 5.15 -0.72
CA VAL A 122 15.32 5.53 0.34
C VAL A 122 14.71 6.84 -0.09
N ALA A 123 13.51 6.76 -0.68
CA ALA A 123 12.88 7.90 -1.32
C ALA A 123 11.42 7.56 -1.53
N PRO A 124 10.60 8.56 -1.93
CA PRO A 124 9.24 8.24 -2.37
C PRO A 124 9.26 7.57 -3.75
N LEU A 125 9.75 6.34 -3.76
CA LEU A 125 9.93 5.58 -5.00
C LEU A 125 8.75 4.63 -5.22
N THR A 126 8.02 4.86 -6.30
CA THR A 126 6.82 4.08 -6.61
C THR A 126 7.15 2.66 -7.05
N ILE A 127 6.42 1.72 -6.46
CA ILE A 127 6.51 0.32 -6.82
C ILE A 127 5.71 0.06 -8.10
N ASN A 128 6.37 -0.44 -9.13
CA ASN A 128 5.70 -0.79 -10.38
C ASN A 128 6.29 -2.02 -11.02
N ASN A 129 5.58 -2.59 -11.98
CA ASN A 129 6.06 -3.80 -12.64
C ASN A 129 7.45 -3.62 -13.26
N GLU A 130 7.62 -2.53 -13.98
CA GLU A 130 8.85 -2.24 -14.71
C GLU A 130 10.09 -2.27 -13.84
N ARG A 131 10.02 -1.58 -12.71
CA ARG A 131 11.16 -1.57 -11.79
C ARG A 131 11.32 -2.89 -11.05
N ALA A 132 10.21 -3.52 -10.72
CA ALA A 132 10.25 -4.76 -9.92
C ALA A 132 10.85 -5.92 -10.71
N GLN A 133 10.99 -5.76 -12.02
CA GLN A 133 11.68 -6.76 -12.84
CA GLN A 133 11.67 -6.76 -12.83
C GLN A 133 13.17 -6.76 -12.53
N TYR A 134 13.67 -5.61 -12.08
CA TYR A 134 15.11 -5.39 -11.93
C TYR A 134 15.61 -5.28 -10.50
N ILE A 135 14.75 -4.80 -9.61
CA ILE A 135 15.15 -4.61 -8.21
C ILE A 135 14.11 -5.19 -7.27
N GLU A 136 14.47 -5.24 -5.99
CA GLU A 136 13.56 -5.73 -4.97
C GLU A 136 12.94 -4.52 -4.28
N PHE A 137 11.61 -4.49 -4.21
CA PHE A 137 10.92 -3.49 -3.39
C PHE A 137 10.54 -4.09 -2.04
N SER A 138 10.52 -3.27 -1.00
CA SER A 138 9.99 -3.67 0.29
C SER A 138 8.47 -3.61 0.18
N LYS A 139 7.77 -4.18 1.17
CA LYS A 139 6.36 -3.85 1.33
C LYS A 139 6.26 -2.34 1.42
N PRO A 140 5.14 -1.78 0.94
CA PRO A 140 5.05 -0.32 0.86
C PRO A 140 5.15 0.38 2.22
N PHE A 141 5.97 1.42 2.29
CA PHE A 141 6.04 2.22 3.51
C PHE A 141 4.99 3.33 3.49
N LYS A 142 4.42 3.59 2.31
CA LYS A 142 3.41 4.63 2.18
C LYS A 142 2.43 4.22 1.08
N TYR A 143 1.14 4.21 1.42
CA TYR A 143 0.10 3.95 0.41
C TYR A 143 -0.49 5.28 -0.06
N GLN A 144 -0.53 5.47 -1.37
CA GLN A 144 -1.03 6.73 -1.92
C GLN A 144 -1.59 6.52 -3.31
N GLY A 145 -1.46 7.51 -4.19
CA GLY A 145 -1.89 7.32 -5.56
C GLY A 145 -1.57 8.55 -6.38
N LEU A 146 -2.22 8.72 -7.53
CA LEU A 146 -1.97 9.88 -8.38
C LEU A 146 -3.14 10.80 -8.36
N THR A 147 -2.86 12.11 -8.34
CA THR A 147 -3.90 13.09 -8.47
C THR A 147 -3.42 14.24 -9.34
N ILE A 148 -4.20 15.31 -9.40
CA ILE A 148 -3.88 16.41 -10.30
C ILE A 148 -3.84 17.70 -9.52
N LEU A 149 -2.77 18.48 -9.69
CA LEU A 149 -2.64 19.74 -8.98
C LEU A 149 -2.92 20.87 -9.98
N VAL A 150 -3.77 21.81 -9.56
CA VAL A 150 -4.05 22.99 -10.39
C VAL A 150 -4.03 24.28 -9.56
N LYS A 151 -4.11 25.40 -10.27
CA LYS A 151 -4.20 26.70 -9.63
C LYS A 151 -5.62 26.85 -9.10
N LYS A 152 -5.76 27.45 -7.92
CA LYS A 152 -7.08 27.69 -7.36
C LYS A 152 -7.91 28.50 -8.35
N GLY A 153 -9.13 28.07 -8.61
CA GLY A 153 -9.95 28.69 -9.64
C GLY A 153 -10.07 27.82 -10.86
N THR A 154 -8.99 27.11 -11.19
CA THR A 154 -8.99 26.23 -12.36
C THR A 154 -9.97 25.07 -12.15
N ARG A 155 -10.91 24.90 -13.06
CA ARG A 155 -11.93 23.87 -12.92
C ARG A 155 -11.74 22.73 -13.91
N ILE A 156 -11.35 21.57 -13.40
CA ILE A 156 -11.35 20.34 -14.18
C ILE A 156 -11.85 19.22 -13.29
N THR A 157 -12.64 18.31 -13.86
CA THR A 157 -13.29 17.26 -13.08
C THR A 157 -12.30 16.22 -12.58
N GLY A 158 -11.21 16.06 -13.32
CA GLY A 158 -10.25 15.01 -13.03
C GLY A 158 -9.64 14.42 -14.29
N ILE A 159 -9.22 13.16 -14.21
CA ILE A 159 -8.49 12.49 -15.29
C ILE A 159 -9.34 12.30 -16.55
N ASN A 160 -10.65 12.46 -16.41
CA ASN A 160 -11.56 12.22 -17.54
C ASN A 160 -12.07 13.52 -18.12
N ASP A 161 -11.55 14.63 -17.62
CA ASP A 161 -11.91 15.94 -18.15
C ASP A 161 -11.50 16.06 -19.62
N PRO A 162 -12.40 16.60 -20.46
CA PRO A 162 -12.12 16.73 -21.89
C PRO A 162 -10.88 17.56 -22.19
N ARG A 163 -10.55 18.50 -21.29
CA ARG A 163 -9.34 19.29 -21.48
C ARG A 163 -8.08 18.47 -21.28
N LEU A 164 -8.21 17.29 -20.68
CA LEU A 164 -7.10 16.34 -20.65
C LEU A 164 -7.22 15.30 -21.76
N ARG A 165 -8.42 14.74 -21.93
CA ARG A 165 -8.63 13.65 -22.87
C ARG A 165 -8.66 14.07 -24.32
N ASN A 166 -9.09 15.32 -24.57
CA ASN A 166 -9.01 15.89 -25.90
C ASN A 166 -8.22 17.19 -25.85
N PRO A 167 -6.88 17.07 -25.72
CA PRO A 167 -6.02 18.20 -25.37
C PRO A 167 -5.73 19.14 -26.53
N SER A 168 -5.35 20.36 -26.18
CA SER A 168 -4.81 21.33 -27.12
C SER A 168 -3.81 22.20 -26.36
N ASP A 169 -3.15 23.11 -27.07
CA ASP A 169 -2.13 23.96 -26.44
C ASP A 169 -2.73 25.11 -25.63
N LYS A 170 -4.06 25.17 -25.58
CA LYS A 170 -4.76 26.14 -24.74
C LYS A 170 -4.74 25.74 -23.26
N PHE A 171 -4.71 24.43 -23.00
CA PHE A 171 -4.64 23.91 -21.63
C PHE A 171 -3.51 22.88 -21.50
N ILE A 172 -2.41 23.31 -20.88
CA ILE A 172 -1.19 22.52 -20.81
C ILE A 172 -1.11 21.76 -19.50
N TYR A 173 -0.88 20.44 -19.60
CA TYR A 173 -0.63 19.64 -18.41
C TYR A 173 0.62 18.78 -18.59
N ALA A 174 1.17 18.30 -17.48
CA ALA A 174 2.45 17.60 -17.53
C ALA A 174 2.74 16.81 -16.27
N THR A 175 3.83 16.06 -16.31
CA THR A 175 4.34 15.37 -15.13
C THR A 175 5.86 15.57 -15.13
N VAL A 176 6.55 14.80 -14.31
CA VAL A 176 8.00 14.89 -14.21
C VAL A 176 8.64 13.86 -15.15
N LYS A 177 9.64 14.28 -15.91
CA LYS A 177 10.36 13.36 -16.80
C LYS A 177 10.97 12.21 -16.04
N GLN A 178 11.00 11.04 -16.67
CA GLN A 178 11.75 9.90 -16.16
C GLN A 178 11.29 9.52 -14.74
N SER A 179 9.97 9.63 -14.55
CA SER A 179 9.32 9.25 -13.29
C SER A 179 8.36 8.10 -13.53
N SER A 180 7.88 7.49 -12.44
CA SER A 180 6.90 6.42 -12.56
C SER A 180 5.64 6.90 -13.26
N VAL A 181 5.34 8.20 -13.14
CA VAL A 181 4.13 8.73 -13.75
C VAL A 181 4.30 8.82 -15.25
N ASP A 182 5.49 9.22 -15.68
CA ASP A 182 5.85 9.23 -17.11
C ASP A 182 5.65 7.82 -17.67
N ILE A 183 6.03 6.81 -16.90
CA ILE A 183 5.90 5.40 -17.31
C ILE A 183 4.44 4.98 -17.40
N TYR A 184 3.65 5.39 -16.41
CA TYR A 184 2.24 5.05 -16.34
C TYR A 184 1.52 5.53 -17.59
N PHE A 185 1.85 6.72 -18.05
CA PHE A 185 1.17 7.24 -19.24
C PHE A 185 1.69 6.64 -20.54
N ARG A 186 2.98 6.30 -20.59
CA ARG A 186 3.53 5.70 -21.80
C ARG A 186 3.05 4.26 -21.97
N ARG A 187 2.90 3.56 -20.85
CA ARG A 187 2.51 2.15 -20.81
C ARG A 187 1.12 1.91 -21.39
N GLN A 188 0.16 2.77 -21.04
CA GLN A 188 -1.24 2.48 -21.33
C GLN A 188 -1.75 3.16 -22.61
N VAL A 189 -2.03 2.34 -23.61
CA VAL A 189 -2.51 2.82 -24.92
C VAL A 189 -3.76 3.71 -24.82
N GLU A 190 -4.63 3.40 -23.85
CA GLU A 190 -5.81 4.23 -23.61
C GLU A 190 -5.45 5.65 -23.16
N LEU A 191 -4.19 5.86 -22.76
CA LEU A 191 -3.75 7.18 -22.31
C LEU A 191 -2.81 7.88 -23.30
N SER A 192 -2.65 7.30 -24.50
CA SER A 192 -1.61 7.77 -25.42
C SER A 192 -1.84 9.20 -25.90
N THR A 193 -3.10 9.62 -25.96
CA THR A 193 -3.39 10.98 -26.36
C THR A 193 -2.87 11.94 -25.29
N MET A 194 -3.07 11.58 -24.03
CA MET A 194 -2.55 12.40 -22.94
C MET A 194 -1.02 12.33 -22.90
N TYR A 195 -0.47 11.14 -23.15
CA TYR A 195 0.98 10.97 -23.12
C TYR A 195 1.69 11.85 -24.15
N ARG A 196 1.14 11.94 -25.36
CA ARG A 196 1.77 12.72 -26.42
CA ARG A 196 1.81 12.72 -26.40
C ARG A 196 1.74 14.22 -26.12
N HIS A 197 0.68 14.66 -25.45
CA HIS A 197 0.59 16.05 -25.00
C HIS A 197 1.65 16.30 -23.93
N MET A 198 1.68 15.43 -22.92
CA MET A 198 2.62 15.61 -21.81
C MET A 198 4.11 15.53 -22.19
N GLU A 199 4.46 14.73 -23.18
CA GLU A 199 5.89 14.59 -23.53
C GLU A 199 6.50 15.87 -24.10
N LYS A 200 5.66 16.85 -24.40
CA LYS A 200 6.13 18.14 -24.90
C LYS A 200 6.35 19.12 -23.76
N HIS A 201 5.81 18.80 -22.58
CA HIS A 201 5.79 19.78 -21.50
C HIS A 201 6.35 19.25 -20.16
N ASN A 202 6.70 17.97 -20.11
CA ASN A 202 7.21 17.38 -18.85
C ASN A 202 8.38 18.15 -18.24
N TYR A 203 8.42 18.18 -16.91
CA TYR A 203 9.38 18.98 -16.17
C TYR A 203 10.52 18.14 -15.62
N GLU A 204 11.66 18.76 -15.30
CA GLU A 204 12.81 17.98 -14.83
C GLU A 204 12.64 17.57 -13.36
N SER A 205 11.82 18.31 -12.64
CA SER A 205 11.57 17.99 -11.22
C SER A 205 10.18 18.41 -10.79
N ALA A 206 9.66 17.77 -9.75
CA ALA A 206 8.34 18.12 -9.21
C ALA A 206 8.29 19.57 -8.74
N ALA A 207 9.34 20.02 -8.05
CA ALA A 207 9.38 21.39 -7.55
C ALA A 207 9.19 22.42 -8.68
N GLU A 208 9.83 22.19 -9.82
CA GLU A 208 9.72 23.13 -10.94
C GLU A 208 8.33 23.11 -11.55
N ALA A 209 7.72 21.93 -11.60
CA ALA A 209 6.36 21.79 -12.11
C ALA A 209 5.37 22.52 -11.19
N ILE A 210 5.51 22.33 -9.89
CA ILE A 210 4.63 22.95 -8.91
C ILE A 210 4.77 24.48 -9.02
N GLN A 211 5.99 24.96 -9.10
CA GLN A 211 6.23 26.40 -9.28
C GLN A 211 5.60 26.90 -10.58
N ALA A 212 5.69 26.10 -11.64
CA ALA A 212 5.10 26.46 -12.92
C ALA A 212 3.57 26.56 -12.83
N VAL A 213 2.95 25.71 -12.03
CA VAL A 213 1.52 25.80 -11.78
C VAL A 213 1.16 27.11 -11.09
N ARG A 214 1.92 27.47 -10.06
CA ARG A 214 1.74 28.74 -9.34
C ARG A 214 1.90 29.93 -10.28
N ASP A 215 2.87 29.84 -11.19
CA ASP A 215 3.17 30.93 -12.12
C ASP A 215 2.27 30.96 -13.35
N ASN A 216 1.26 30.10 -13.39
CA ASN A 216 0.35 29.95 -14.53
C ASN A 216 1.06 29.65 -15.86
N LYS A 217 2.16 28.90 -15.78
CA LYS A 217 2.87 28.44 -16.97
C LYS A 217 2.48 26.99 -17.27
N LEU A 218 1.94 26.34 -16.24
CA LEU A 218 1.44 24.96 -16.32
C LEU A 218 0.05 24.99 -15.70
N HIS A 219 -0.94 24.48 -16.41
CA HIS A 219 -2.30 24.52 -15.89
C HIS A 219 -2.66 23.32 -15.01
N ALA A 220 -1.97 22.19 -15.20
CA ALA A 220 -2.23 21.01 -14.38
C ALA A 220 -0.99 20.14 -14.27
N PHE A 221 -0.68 19.70 -13.05
CA PHE A 221 0.48 18.86 -12.80
C PHE A 221 -0.05 17.53 -12.23
N ILE A 222 0.24 16.44 -12.94
CA ILE A 222 -0.20 15.11 -12.54
C ILE A 222 0.95 14.43 -11.81
N TRP A 223 0.73 14.03 -10.56
CA TRP A 223 1.83 13.58 -9.72
C TRP A 223 1.31 12.83 -8.50
N ASP A 224 2.24 12.44 -7.63
CA ASP A 224 1.91 11.68 -6.42
C ASP A 224 1.07 12.48 -5.46
N SER A 225 -0.07 11.92 -5.06
CA SER A 225 -0.98 12.60 -4.15
C SER A 225 -0.35 12.92 -2.78
N ALA A 226 0.57 12.07 -2.33
CA ALA A 226 1.17 12.30 -1.02
C ALA A 226 1.96 13.61 -1.06
N VAL A 227 2.57 13.89 -2.21
CA VAL A 227 3.25 15.15 -2.43
C VAL A 227 2.29 16.28 -2.75
N LEU A 228 1.36 16.07 -3.70
CA LEU A 228 0.46 17.14 -4.12
C LEU A 228 -0.49 17.60 -3.02
N GLU A 229 -0.97 16.66 -2.20
CA GLU A 229 -1.86 17.02 -1.10
C GLU A 229 -1.11 17.83 -0.05
N PHE A 230 0.17 17.49 0.15
CA PHE A 230 1.02 18.28 1.03
C PHE A 230 1.21 19.70 0.51
N GLU A 231 1.59 19.83 -0.76
CA GLU A 231 1.74 21.16 -1.36
C GLU A 231 0.47 21.99 -1.23
N ALA A 232 -0.67 21.38 -1.52
CA ALA A 232 -1.96 22.06 -1.43
C ALA A 232 -2.29 22.52 0.00
N SER A 233 -1.88 21.72 0.98
CA SER A 233 -2.12 22.05 2.39
C SER A 233 -1.23 23.20 2.85
N GLN A 234 -0.28 23.59 2.01
CA GLN A 234 0.71 24.58 2.42
C GLN A 234 0.63 25.83 1.55
N LYS A 235 0.28 25.65 0.28
CA LYS A 235 0.13 26.77 -0.63
C LYS A 235 -1.34 26.91 -1.01
N CYS A 236 -1.98 27.95 -0.48
CA CYS A 236 -3.42 28.07 -0.58
C CYS A 236 -3.90 28.53 -1.96
N ASP A 237 -2.95 28.83 -2.84
CA ASP A 237 -3.27 29.15 -4.22
C ASP A 237 -3.26 27.89 -5.10
N LEU A 238 -3.01 26.74 -4.47
CA LEU A 238 -2.97 25.47 -5.17
C LEU A 238 -4.01 24.51 -4.60
N VAL A 239 -4.60 23.67 -5.47
CA VAL A 239 -5.52 22.62 -5.02
C VAL A 239 -5.37 21.33 -5.84
N THR A 240 -5.78 20.21 -5.25
CA THR A 240 -5.83 18.98 -6.01
C THR A 240 -7.26 18.82 -6.54
N THR A 241 -7.42 18.07 -7.63
CA THR A 241 -8.76 17.87 -8.20
C THR A 241 -8.93 16.44 -8.67
N GLY A 242 -10.10 15.85 -8.39
CA GLY A 242 -10.47 14.53 -8.88
C GLY A 242 -10.18 13.37 -7.96
N GLU A 243 -9.58 13.66 -6.81
CA GLU A 243 -9.12 12.63 -5.89
C GLU A 243 -8.15 11.67 -6.59
N LEU A 244 -7.99 10.47 -6.06
CA LEU A 244 -7.06 9.51 -6.68
C LEU A 244 -7.69 8.91 -7.93
N PHE A 245 -6.93 8.86 -9.02
CA PHE A 245 -7.40 8.16 -10.21
C PHE A 245 -6.63 6.86 -10.41
N PHE A 246 -5.66 6.63 -9.53
CA PHE A 246 -4.86 5.43 -9.57
C PHE A 246 -4.20 5.30 -8.21
N ARG A 247 -4.02 4.06 -7.74
CA ARG A 247 -3.40 3.82 -6.43
C ARG A 247 -2.02 3.21 -6.59
N SER A 248 -1.07 3.66 -5.76
CA SER A 248 0.30 3.16 -5.81
C SER A 248 0.92 3.30 -4.43
N GLY A 249 2.05 2.62 -4.22
CA GLY A 249 2.75 2.74 -2.96
C GLY A 249 4.22 3.06 -3.16
N PHE A 250 4.84 3.61 -2.13
CA PHE A 250 6.28 3.84 -2.13
C PHE A 250 6.95 2.69 -1.39
N GLY A 251 8.10 2.22 -1.88
CA GLY A 251 8.84 1.18 -1.20
C GLY A 251 10.33 1.46 -1.17
N ILE A 252 11.03 0.86 -0.21
CA ILE A 252 12.49 0.89 -0.18
C ILE A 252 13.04 0.01 -1.32
N GLY A 253 14.00 0.55 -2.09
CA GLY A 253 14.57 -0.19 -3.21
C GLY A 253 15.93 -0.78 -2.88
N MET A 254 16.12 -2.06 -3.23
CA MET A 254 17.39 -2.76 -3.03
C MET A 254 17.63 -3.70 -4.20
N ARG A 255 18.88 -4.06 -4.43
CA ARG A 255 19.20 -5.07 -5.45
C ARG A 255 18.64 -6.44 -5.05
N LYS A 256 18.34 -7.27 -6.03
CA LYS A 256 17.65 -8.54 -5.76
C LYS A 256 18.40 -9.46 -4.81
N ASP A 257 19.71 -9.25 -4.66
CA ASP A 257 20.48 -10.10 -3.76
C ASP A 257 20.99 -9.35 -2.52
N SER A 258 20.27 -8.33 -2.10
CA SER A 258 20.62 -7.64 -0.86
C SER A 258 20.34 -8.56 0.32
N PRO A 259 21.25 -8.57 1.31
CA PRO A 259 21.05 -9.36 2.53
C PRO A 259 20.07 -8.68 3.48
N TRP A 260 19.75 -7.42 3.20
CA TRP A 260 18.93 -6.62 4.09
C TRP A 260 17.45 -6.70 3.79
N LYS A 261 17.09 -7.27 2.64
CA LYS A 261 15.72 -7.07 2.13
C LYS A 261 14.60 -7.67 2.96
N GLN A 262 14.83 -8.84 3.56
CA GLN A 262 13.85 -9.46 4.44
C GLN A 262 13.56 -8.56 5.64
N ASN A 263 14.60 -8.16 6.35
CA ASN A 263 14.40 -7.36 7.57
C ASN A 263 13.95 -5.91 7.34
N VAL A 264 14.27 -5.34 6.18
CA VAL A 264 13.75 -4.02 5.84
C VAL A 264 12.22 -4.12 5.72
N SER A 265 11.75 -5.14 5.02
CA SER A 265 10.32 -5.30 4.81
C SER A 265 9.60 -5.57 6.13
N LEU A 266 10.19 -6.43 6.96
CA LEU A 266 9.61 -6.72 8.27
C LEU A 266 9.57 -5.46 9.12
N SER A 267 10.60 -4.63 9.04
CA SER A 267 10.64 -3.41 9.83
CA SER A 267 10.64 -3.41 9.83
C SER A 267 9.58 -2.42 9.36
N ILE A 268 9.34 -2.38 8.07
CA ILE A 268 8.30 -1.51 7.54
CA ILE A 268 8.30 -1.53 7.50
C ILE A 268 6.92 -1.96 8.02
N LEU A 269 6.66 -3.27 7.97
CA LEU A 269 5.39 -3.78 8.45
C LEU A 269 5.24 -3.48 9.93
N LYS A 270 6.30 -3.69 10.70
CA LYS A 270 6.27 -3.41 12.14
C LYS A 270 5.92 -1.95 12.40
N SER A 271 6.47 -1.06 11.58
CA SER A 271 6.27 0.36 11.77
C SER A 271 4.86 0.80 11.42
N HIS A 272 4.23 0.17 10.44
CA HIS A 272 2.83 0.48 10.19
C HIS A 272 2.02 0.04 11.39
N GLU A 273 2.34 -1.16 11.88
CA GLU A 273 1.52 -1.82 12.90
C GLU A 273 1.58 -1.18 14.27
N ASN A 274 2.74 -0.63 14.66
CA ASN A 274 2.88 -0.01 15.99
C ASN A 274 2.71 1.52 16.02
N GLY A 275 2.33 2.10 14.89
CA GLY A 275 2.01 3.52 14.89
C GLY A 275 3.19 4.40 14.52
N PHE A 276 4.35 3.80 14.28
CA PHE A 276 5.50 4.62 13.90
C PHE A 276 5.29 5.34 12.57
N MET A 277 4.73 4.64 11.58
CA MET A 277 4.46 5.27 10.30
C MET A 277 3.44 6.37 10.47
N GLU A 278 2.45 6.14 11.34
CA GLU A 278 1.49 7.19 11.63
C GLU A 278 2.13 8.43 12.23
N ASP A 279 3.11 8.25 13.13
CA ASP A 279 3.80 9.39 13.73
C ASP A 279 4.55 10.20 12.68
N LEU A 280 5.18 9.51 11.73
CA LEU A 280 5.86 10.19 10.64
C LEU A 280 4.86 10.95 9.79
N ASP A 281 3.67 10.38 9.60
CA ASP A 281 2.67 11.11 8.84
C ASP A 281 2.26 12.40 9.57
N LYS A 282 2.07 12.33 10.88
CA LYS A 282 1.70 13.50 11.67
C LYS A 282 2.82 14.52 11.71
N THR A 283 4.05 14.05 11.70
CA THR A 283 5.19 14.96 11.79
C THR A 283 5.48 15.68 10.47
N TRP A 284 5.42 14.96 9.34
CA TRP A 284 5.88 15.50 8.07
C TRP A 284 4.80 15.79 7.03
N VAL A 285 3.69 15.06 7.10
CA VAL A 285 2.75 15.03 5.98
C VAL A 285 1.45 15.75 6.24
N ARG A 286 0.88 15.51 7.42
CA ARG A 286 -0.45 16.02 7.74
C ARG A 286 -0.49 16.74 9.08
N TYR A 287 -0.18 18.04 9.05
CA TYR A 287 -0.13 18.85 10.26
C TYR A 287 -0.60 20.28 10.02
N GLN A 288 -0.95 20.59 8.77
CA GLN A 288 -1.30 21.95 8.38
C GLN A 288 -2.79 22.17 8.13
N GLU A 289 -3.21 21.97 6.88
CA GLU A 289 -4.54 22.35 6.38
C GLU A 289 -4.74 23.87 6.40
N ASP B 2 1.57 -30.92 -13.21
CA ASP B 2 1.97 -31.71 -12.04
C ASP B 2 2.59 -30.81 -10.97
N ASP B 3 3.82 -30.38 -11.19
CA ASP B 3 4.45 -29.33 -10.38
C ASP B 3 3.82 -27.99 -10.74
N ASN B 4 2.90 -28.05 -11.70
CA ASN B 4 2.25 -26.89 -12.26
C ASN B 4 0.79 -26.84 -11.82
N HIS B 5 0.39 -27.86 -11.09
CA HIS B 5 -0.97 -27.98 -10.58
C HIS B 5 -0.93 -27.79 -9.07
N LEU B 6 -1.53 -26.71 -8.59
CA LEU B 6 -1.29 -26.26 -7.22
C LEU B 6 -2.51 -26.41 -6.30
N SER B 7 -2.25 -26.87 -5.09
CA SER B 7 -3.24 -26.83 -4.02
C SER B 7 -3.34 -25.40 -3.51
N ILE B 8 -4.54 -24.81 -3.55
CA ILE B 8 -4.72 -23.42 -3.12
C ILE B 8 -5.86 -23.33 -2.12
N VAL B 9 -5.65 -22.61 -1.02
CA VAL B 9 -6.66 -22.52 0.03
C VAL B 9 -7.26 -21.13 0.03
N THR B 10 -8.55 -21.07 0.36
CA THR B 10 -9.23 -19.79 0.49
C THR B 10 -10.21 -19.85 1.66
N LEU B 11 -10.97 -18.78 1.85
CA LEU B 11 -11.89 -18.65 2.98
C LEU B 11 -12.98 -17.68 2.57
N GLU B 12 -14.23 -18.01 2.89
CA GLU B 12 -15.34 -17.14 2.47
C GLU B 12 -15.30 -15.83 3.23
N GLU B 13 -15.40 -14.72 2.50
CA GLU B 13 -15.58 -13.40 3.08
C GLU B 13 -15.98 -12.47 1.94
N ALA B 14 -17.29 -12.24 1.79
CA ALA B 14 -17.79 -11.43 0.70
C ALA B 14 -17.25 -10.00 0.84
N PRO B 15 -16.99 -9.32 -0.28
CA PRO B 15 -17.18 -9.80 -1.66
C PRO B 15 -15.89 -10.34 -2.23
N PHE B 16 -14.92 -10.65 -1.38
CA PHE B 16 -13.64 -11.13 -1.87
C PHE B 16 -13.69 -12.61 -2.26
N VAL B 17 -14.38 -13.38 -1.43
CA VAL B 17 -14.63 -14.78 -1.71
C VAL B 17 -16.05 -15.12 -1.29
N ILE B 18 -16.86 -15.57 -2.24
CA ILE B 18 -18.26 -15.89 -2.00
C ILE B 18 -18.46 -17.33 -2.43
N VAL B 19 -19.08 -18.13 -1.56
CA VAL B 19 -19.26 -19.57 -1.81
C VAL B 19 -20.74 -19.82 -2.12
N GLU B 20 -21.00 -20.66 -3.12
CA GLU B 20 -22.37 -21.02 -3.48
C GLU B 20 -22.51 -22.54 -3.53
N ASP B 21 -23.74 -23.03 -3.38
CA ASP B 21 -24.00 -24.46 -3.53
C ASP B 21 -23.93 -24.82 -5.01
N ILE B 22 -23.38 -25.98 -5.31
CA ILE B 22 -23.32 -26.42 -6.70
C ILE B 22 -24.69 -26.93 -7.15
N ASP B 23 -24.94 -26.91 -8.46
CA ASP B 23 -26.15 -27.50 -9.03
C ASP B 23 -26.17 -29.00 -8.72
N PRO B 24 -27.22 -29.49 -8.02
CA PRO B 24 -27.34 -30.92 -7.67
C PRO B 24 -27.26 -31.77 -8.93
N LEU B 25 -27.94 -31.31 -9.97
CA LEU B 25 -27.51 -31.52 -11.35
C LEU B 25 -27.41 -30.09 -11.86
N THR B 26 -26.31 -29.72 -12.52
CA THR B 26 -25.33 -30.61 -13.15
C THR B 26 -24.15 -31.13 -12.33
N GLU B 27 -24.02 -30.73 -11.06
CA GLU B 27 -22.75 -30.87 -10.32
C GLU B 27 -21.61 -30.17 -11.08
N THR B 28 -21.94 -29.08 -11.75
CA THR B 28 -20.93 -28.29 -12.45
C THR B 28 -21.06 -26.82 -12.10
N CYS B 29 -19.94 -26.18 -11.83
CA CYS B 29 -19.91 -24.75 -11.57
CA CYS B 29 -19.92 -24.75 -11.57
C CYS B 29 -20.03 -23.97 -12.88
N VAL B 30 -20.96 -23.02 -12.92
CA VAL B 30 -21.17 -22.26 -14.14
C VAL B 30 -20.97 -20.75 -13.87
N ARG B 31 -21.29 -19.91 -14.86
CA ARG B 31 -21.15 -18.45 -14.74
C ARG B 31 -19.76 -17.98 -14.34
N ASN B 32 -19.71 -17.03 -13.41
CA ASN B 32 -18.43 -16.46 -12.98
C ASN B 32 -17.69 -17.27 -11.91
N THR B 33 -18.14 -18.50 -11.67
CA THR B 33 -17.62 -19.27 -10.53
C THR B 33 -16.57 -20.32 -10.90
N VAL B 34 -15.79 -20.73 -9.90
CA VAL B 34 -14.78 -21.78 -10.09
C VAL B 34 -15.01 -22.85 -9.02
N PRO B 35 -14.58 -24.09 -9.29
CA PRO B 35 -14.81 -25.14 -8.28
C PRO B 35 -13.98 -24.92 -7.02
N CYS B 36 -14.59 -25.17 -5.87
CA CYS B 36 -13.86 -25.15 -4.62
C CYS B 36 -14.49 -26.18 -3.71
N ARG B 37 -13.66 -26.93 -3.01
CA ARG B 37 -14.18 -28.00 -2.18
C ARG B 37 -14.07 -27.63 -0.71
N LYS B 38 -14.89 -28.27 0.10
CA LYS B 38 -14.93 -27.98 1.52
C LYS B 38 -15.08 -29.32 2.25
N PHE B 39 -14.15 -29.61 3.15
CA PHE B 39 -14.19 -30.83 3.94
C PHE B 39 -15.25 -30.65 5.02
N VAL B 40 -16.22 -31.56 5.05
CA VAL B 40 -17.31 -31.47 6.01
C VAL B 40 -17.35 -32.76 6.84
N LYS B 41 -17.36 -32.63 8.16
CA LYS B 41 -17.30 -33.81 9.05
C LYS B 41 -18.60 -34.61 8.98
N ILE B 42 -18.50 -35.94 9.12
CA ILE B 42 -19.71 -36.77 9.14
C ILE B 42 -20.41 -36.59 10.49
N ASN B 43 -19.62 -36.61 11.56
CA ASN B 43 -20.18 -36.38 12.89
C ASN B 43 -19.06 -35.93 13.83
N ASN B 44 -19.36 -35.75 15.10
CA ASN B 44 -18.33 -35.25 16.02
C ASN B 44 -17.69 -36.35 16.86
N SER B 45 -17.97 -37.60 16.52
CA SER B 45 -17.38 -38.73 17.24
CA SER B 45 -17.42 -38.75 17.22
C SER B 45 -16.45 -39.51 16.33
N THR B 46 -16.27 -39.02 15.10
CA THR B 46 -15.36 -39.63 14.13
C THR B 46 -14.44 -38.56 13.54
N ASN B 47 -13.36 -39.00 12.92
CA ASN B 47 -12.50 -38.06 12.19
C ASN B 47 -12.89 -38.05 10.73
N GLU B 48 -13.88 -38.88 10.40
CA GLU B 48 -14.36 -39.05 9.04
C GLU B 48 -15.03 -37.77 8.53
N GLY B 49 -14.79 -37.47 7.26
CA GLY B 49 -15.44 -36.35 6.61
C GLY B 49 -15.50 -36.58 5.12
N MET B 50 -16.09 -35.64 4.40
CA MET B 50 -16.25 -35.77 2.96
C MET B 50 -16.06 -34.41 2.36
N ASN B 51 -15.35 -34.35 1.23
CA ASN B 51 -15.25 -33.09 0.54
C ASN B 51 -16.59 -32.85 -0.16
N VAL B 52 -17.11 -31.65 0.01
CA VAL B 52 -18.33 -31.29 -0.69
C VAL B 52 -17.90 -30.38 -1.81
N LYS B 53 -18.44 -30.60 -3.01
CA LYS B 53 -18.10 -29.75 -4.13
C LYS B 53 -18.93 -28.47 -4.06
N LYS B 54 -18.26 -27.33 -4.00
CA LYS B 54 -18.97 -26.05 -4.02
C LYS B 54 -18.43 -25.19 -5.16
N CYS B 55 -18.98 -23.99 -5.29
CA CYS B 55 -18.54 -23.05 -6.32
C CYS B 55 -18.17 -21.73 -5.66
N CYS B 56 -17.04 -21.17 -6.09
CA CYS B 56 -16.54 -19.91 -5.50
C CYS B 56 -16.45 -18.81 -6.52
N LYS B 57 -16.72 -17.58 -6.08
CA LYS B 57 -16.56 -16.42 -6.95
C LYS B 57 -16.19 -15.23 -6.08
N GLY B 58 -15.84 -14.11 -6.71
CA GLY B 58 -15.55 -12.90 -5.96
C GLY B 58 -14.32 -12.18 -6.46
N PHE B 59 -14.02 -11.05 -5.84
CA PHE B 59 -12.87 -10.24 -6.24
C PHE B 59 -11.58 -11.05 -6.23
N CYS B 60 -11.33 -11.80 -5.17
CA CYS B 60 -10.08 -12.54 -5.06
C CYS B 60 -10.07 -13.76 -5.95
N ILE B 61 -11.26 -14.28 -6.24
CA ILE B 61 -11.34 -15.41 -7.15
C ILE B 61 -11.04 -14.93 -8.57
N ASP B 62 -11.51 -13.73 -8.91
CA ASP B 62 -11.18 -13.13 -10.21
C ASP B 62 -9.67 -12.89 -10.33
N ILE B 63 -9.04 -12.45 -9.24
CA ILE B 63 -7.58 -12.34 -9.20
C ILE B 63 -6.90 -13.69 -9.43
N LEU B 64 -7.38 -14.74 -8.77
CA LEU B 64 -6.80 -16.05 -8.93
C LEU B 64 -6.93 -16.53 -10.37
N LYS B 65 -8.09 -16.29 -10.99
CA LYS B 65 -8.28 -16.69 -12.38
C LYS B 65 -7.27 -15.98 -13.26
N LYS B 66 -7.06 -14.69 -13.04
CA LYS B 66 -6.10 -13.94 -13.83
C LYS B 66 -4.68 -14.44 -13.60
N LEU B 67 -4.30 -14.70 -12.36
CA LEU B 67 -2.97 -15.25 -12.09
C LEU B 67 -2.80 -16.61 -12.76
N SER B 68 -3.83 -17.45 -12.68
CA SER B 68 -3.78 -18.77 -13.32
C SER B 68 -3.55 -18.63 -14.82
N ARG B 69 -4.26 -17.70 -15.43
CA ARG B 69 -4.09 -17.43 -16.85
C ARG B 69 -2.67 -16.94 -17.20
N THR B 70 -2.14 -15.96 -16.47
CA THR B 70 -0.85 -15.40 -16.89
C THR B 70 0.41 -16.08 -16.34
N VAL B 71 0.34 -16.61 -15.12
CA VAL B 71 1.53 -17.27 -14.57
C VAL B 71 1.58 -18.71 -15.07
N LYS B 72 0.46 -19.17 -15.63
CA LYS B 72 0.34 -20.51 -16.24
C LYS B 72 0.38 -21.66 -15.22
N PHE B 73 -0.60 -21.71 -14.34
CA PHE B 73 -0.75 -22.85 -13.44
C PHE B 73 -2.21 -23.25 -13.39
N THR B 74 -2.46 -24.49 -12.97
CA THR B 74 -3.80 -24.94 -12.68
C THR B 74 -3.87 -25.11 -11.18
N TYR B 75 -5.08 -25.29 -10.65
CA TYR B 75 -5.21 -25.35 -9.20
C TYR B 75 -6.39 -26.19 -8.75
N ASP B 76 -6.30 -26.62 -7.50
CA ASP B 76 -7.37 -27.33 -6.82
C ASP B 76 -7.67 -26.46 -5.61
N LEU B 77 -8.72 -25.66 -5.72
CA LEU B 77 -9.06 -24.69 -4.69
C LEU B 77 -9.86 -25.33 -3.56
N TYR B 78 -9.44 -25.13 -2.31
CA TYR B 78 -10.25 -25.65 -1.20
C TYR B 78 -10.45 -24.60 -0.11
N LEU B 79 -11.50 -24.77 0.68
CA LEU B 79 -11.84 -23.83 1.75
C LEU B 79 -11.27 -24.33 3.06
N VAL B 80 -10.61 -23.44 3.80
CA VAL B 80 -9.99 -23.85 5.06
C VAL B 80 -11.04 -24.23 6.10
N THR B 81 -10.74 -25.26 6.89
CA THR B 81 -11.67 -25.71 7.92
C THR B 81 -11.07 -25.63 9.32
N ASN B 82 -9.75 -25.52 9.36
CA ASN B 82 -9.01 -25.40 10.61
C ASN B 82 -8.80 -23.92 10.94
N GLY B 83 -9.81 -23.29 11.51
CA GLY B 83 -9.72 -21.85 11.78
C GLY B 83 -10.09 -21.01 10.57
N LYS B 84 -9.66 -19.75 10.59
CA LYS B 84 -10.08 -18.79 9.55
C LYS B 84 -8.88 -18.21 8.81
N HIS B 85 -8.60 -16.93 9.00
CA HIS B 85 -7.50 -16.30 8.26
C HIS B 85 -6.16 -16.82 8.75
N GLY B 86 -5.97 -16.78 10.05
CA GLY B 86 -4.74 -17.32 10.63
C GLY B 86 -4.45 -16.73 11.99
N LYS B 87 -4.18 -17.61 12.95
CA LYS B 87 -3.79 -17.16 14.28
C LYS B 87 -2.80 -18.16 14.82
N LYS B 88 -1.80 -17.67 15.55
CA LYS B 88 -0.82 -18.54 16.19
C LYS B 88 -1.35 -18.91 17.57
N VAL B 89 -1.56 -20.21 17.79
CA VAL B 89 -2.11 -20.71 19.04
C VAL B 89 -1.10 -21.71 19.61
N ASN B 90 -0.62 -21.44 20.82
CA ASN B 90 0.48 -22.23 21.40
C ASN B 90 1.61 -22.43 20.42
N ASN B 91 1.98 -21.33 19.74
CA ASN B 91 3.08 -21.31 18.79
C ASN B 91 2.86 -22.12 17.50
N VAL B 92 1.60 -22.47 17.21
CA VAL B 92 1.25 -23.21 16.00
C VAL B 92 0.20 -22.44 15.18
N TRP B 93 0.51 -22.19 13.91
CA TRP B 93 -0.39 -21.39 13.08
C TRP B 93 -1.60 -22.19 12.61
N ASN B 94 -2.80 -21.61 12.74
CA ASN B 94 -3.99 -22.22 12.15
C ASN B 94 -4.46 -21.38 10.96
N GLY B 95 -5.64 -21.71 10.43
CA GLY B 95 -6.24 -20.91 9.37
C GLY B 95 -5.52 -21.03 8.04
N MET B 96 -5.78 -20.10 7.12
CA MET B 96 -5.09 -20.11 5.82
C MET B 96 -3.58 -20.06 5.99
N ILE B 97 -3.11 -19.27 6.94
CA ILE B 97 -1.68 -19.17 7.18
C ILE B 97 -1.13 -20.55 7.53
N GLY B 98 -1.81 -21.26 8.42
CA GLY B 98 -1.39 -22.59 8.83
C GLY B 98 -1.33 -23.57 7.67
N GLU B 99 -2.31 -23.51 6.77
CA GLU B 99 -2.32 -24.43 5.64
C GLU B 99 -1.07 -24.27 4.79
N VAL B 100 -0.59 -23.04 4.69
CA VAL B 100 0.58 -22.75 3.86
C VAL B 100 1.86 -23.14 4.61
N VAL B 101 1.94 -22.75 5.88
CA VAL B 101 3.09 -23.11 6.72
C VAL B 101 3.33 -24.61 6.75
N TYR B 102 2.25 -25.37 6.91
CA TYR B 102 2.38 -26.82 7.04
C TYR B 102 2.26 -27.54 5.70
N GLN B 103 2.37 -26.74 4.63
CA GLN B 103 2.56 -27.25 3.28
C GLN B 103 1.37 -28.02 2.74
N ARG B 104 0.19 -27.75 3.27
CA ARG B 104 -1.03 -28.32 2.71
C ARG B 104 -1.52 -27.51 1.49
N ALA B 105 -1.09 -26.25 1.42
CA ALA B 105 -1.42 -25.40 0.29
C ALA B 105 -0.17 -24.71 -0.22
N VAL B 106 -0.12 -24.48 -1.53
CA VAL B 106 1.01 -23.80 -2.15
C VAL B 106 0.85 -22.32 -1.96
N MET B 107 -0.41 -21.87 -1.97
CA MET B 107 -0.71 -20.48 -1.69
C MET B 107 -2.09 -20.31 -1.07
N ALA B 108 -2.31 -19.16 -0.44
CA ALA B 108 -3.61 -18.81 0.12
C ALA B 108 -4.07 -17.53 -0.53
N VAL B 109 -5.30 -17.54 -1.01
CA VAL B 109 -5.87 -16.42 -1.74
C VAL B 109 -7.15 -16.04 -1.03
N GLY B 110 -7.27 -14.79 -0.63
CA GLY B 110 -8.48 -14.33 0.02
C GLY B 110 -8.29 -12.97 0.64
N SER B 111 -9.14 -12.66 1.61
CA SER B 111 -9.05 -11.40 2.32
C SER B 111 -8.01 -11.56 3.42
N LEU B 112 -6.78 -11.86 3.02
CA LEU B 112 -5.72 -12.23 3.95
C LEU B 112 -4.75 -11.09 4.19
N THR B 113 -4.78 -10.56 5.41
CA THR B 113 -4.04 -9.34 5.71
C THR B 113 -2.55 -9.64 5.92
N ILE B 114 -1.70 -8.86 5.23
CA ILE B 114 -0.26 -8.92 5.41
C ILE B 114 0.11 -8.26 6.74
N ASN B 115 0.80 -8.99 7.61
CA ASN B 115 1.37 -8.38 8.81
C ASN B 115 2.72 -8.98 9.15
N GLU B 116 3.42 -8.37 10.10
CA GLU B 116 4.79 -8.78 10.42
C GLU B 116 4.88 -10.23 10.91
N GLU B 117 4.05 -10.60 11.88
CA GLU B 117 4.18 -11.93 12.44
C GLU B 117 3.86 -13.02 11.43
N ARG B 118 2.91 -12.76 10.53
CA ARG B 118 2.66 -13.73 9.47
C ARG B 118 3.83 -13.81 8.48
N SER B 119 4.41 -12.66 8.15
CA SER B 119 5.51 -12.61 7.20
C SER B 119 6.78 -13.33 7.71
N GLU B 120 6.78 -13.69 8.99
CA GLU B 120 7.90 -14.46 9.57
C GLU B 120 7.81 -15.93 9.18
N VAL B 121 6.61 -16.39 8.86
CA VAL B 121 6.39 -17.81 8.58
C VAL B 121 5.92 -18.13 7.15
N VAL B 122 5.35 -17.14 6.45
CA VAL B 122 5.01 -17.30 5.03
C VAL B 122 5.59 -16.13 4.25
N ASP B 123 5.73 -16.29 2.93
CA ASP B 123 6.05 -15.13 2.09
C ASP B 123 4.75 -14.56 1.55
N PHE B 124 4.65 -13.23 1.50
CA PHE B 124 3.49 -12.58 0.91
C PHE B 124 3.81 -11.95 -0.42
N SER B 125 2.88 -12.04 -1.36
CA SER B 125 2.98 -11.28 -2.59
C SER B 125 2.90 -9.79 -2.26
N VAL B 126 3.05 -8.93 -3.27
CA VAL B 126 2.77 -7.51 -3.09
C VAL B 126 1.30 -7.36 -2.72
N PRO B 127 0.96 -6.32 -1.95
CA PRO B 127 -0.46 -6.17 -1.62
C PRO B 127 -1.26 -5.84 -2.87
N PHE B 128 -2.46 -6.42 -2.98
CA PHE B 128 -3.27 -6.19 -4.19
C PHE B 128 -4.62 -5.56 -3.86
N VAL B 129 -4.90 -5.42 -2.57
CA VAL B 129 -6.08 -4.69 -2.07
C VAL B 129 -5.62 -3.90 -0.86
N GLU B 130 -5.85 -2.59 -0.85
CA GLU B 130 -5.41 -1.81 0.30
C GLU B 130 -6.37 -2.00 1.48
N THR B 131 -5.80 -2.14 2.66
CA THR B 131 -6.65 -2.32 3.83
C THR B 131 -5.93 -1.84 5.07
N GLY B 132 -6.46 -2.22 6.22
CA GLY B 132 -5.89 -1.81 7.48
C GLY B 132 -7.00 -1.97 8.49
N ILE B 133 -6.95 -1.19 9.56
CA ILE B 133 -7.98 -1.22 10.57
C ILE B 133 -8.83 0.05 10.51
N SER B 134 -10.13 -0.13 10.35
CA SER B 134 -11.06 1.00 10.43
C SER B 134 -12.11 0.77 11.50
N VAL B 135 -12.96 1.78 11.68
CA VAL B 135 -13.99 1.73 12.71
C VAL B 135 -15.33 2.09 12.07
N MET B 136 -16.32 1.21 12.26
CA MET B 136 -17.64 1.48 11.74
C MET B 136 -18.53 1.94 12.88
N VAL B 137 -19.26 3.03 12.64
CA VAL B 137 -20.16 3.59 13.64
C VAL B 137 -21.45 4.04 12.92
N SER B 138 -22.48 4.35 13.69
CA SER B 138 -23.64 5.01 13.11
C SER B 138 -23.24 6.44 12.72
N ARG B 139 -23.70 6.90 11.57
CA ARG B 139 -23.38 8.24 11.07
C ARG B 139 -23.48 9.34 12.14
N GLY B 140 -22.43 10.17 12.26
CA GLY B 140 -22.42 11.24 13.24
C GLY B 140 -21.72 10.94 14.55
N THR B 141 -21.44 9.66 14.83
CA THR B 141 -20.78 9.28 16.08
C THR B 141 -19.41 9.94 16.21
N GLN B 142 -19.17 10.56 17.36
CA GLN B 142 -17.91 11.26 17.56
C GLN B 142 -16.81 10.34 18.08
N VAL B 143 -16.01 9.86 17.14
CA VAL B 143 -14.83 9.08 17.43
C VAL B 143 -13.74 9.52 16.48
N THR B 144 -12.58 9.91 17.01
CA THR B 144 -11.48 10.36 16.17
C THR B 144 -10.82 9.22 15.40
N GLY B 145 -10.72 8.08 16.06
CA GLY B 145 -10.01 6.92 15.53
C GLY B 145 -9.72 5.94 16.66
N LEU B 146 -8.86 4.96 16.41
CA LEU B 146 -8.51 3.95 17.43
C LEU B 146 -7.97 4.60 18.68
N SER B 147 -7.27 5.71 18.50
CA SER B 147 -6.61 6.38 19.62
C SER B 147 -7.56 7.27 20.40
N ASP B 148 -8.83 7.33 19.99
CA ASP B 148 -9.79 8.12 20.75
C ASP B 148 -9.81 7.62 22.18
N LYS B 149 -9.94 8.54 23.14
CA LYS B 149 -9.95 8.19 24.56
C LYS B 149 -11.09 7.24 24.90
N LYS B 150 -12.20 7.34 24.15
CA LYS B 150 -13.34 6.46 24.39
C LYS B 150 -12.99 5.00 24.18
N PHE B 151 -12.01 4.74 23.32
CA PHE B 151 -11.53 3.37 23.11
C PHE B 151 -10.36 3.08 24.02
N GLN B 152 -9.43 4.03 24.11
CA GLN B 152 -8.20 3.84 24.90
C GLN B 152 -8.46 3.65 26.38
N ARG B 153 -9.34 4.48 26.92
CA ARG B 153 -9.62 4.45 28.36
C ARG B 153 -11.13 4.37 28.56
N PRO B 154 -11.72 3.21 28.22
CA PRO B 154 -13.18 3.09 28.05
C PRO B 154 -13.97 3.47 29.28
N HIS B 155 -13.41 3.19 30.45
CA HIS B 155 -14.11 3.41 31.70
C HIS B 155 -13.99 4.85 32.19
N ASP B 156 -13.35 5.71 31.40
CA ASP B 156 -13.34 7.14 31.71
C ASP B 156 -14.64 7.81 31.31
N TYR B 157 -15.59 7.00 30.82
CA TYR B 157 -16.91 7.50 30.41
C TYR B 157 -18.00 6.68 31.07
N SER B 158 -19.12 7.34 31.36
CA SER B 158 -20.28 6.64 31.91
C SER B 158 -21.52 7.07 31.12
N PRO B 159 -22.21 6.11 30.50
CA PRO B 159 -21.76 4.72 30.39
C PRO B 159 -20.60 4.59 29.40
N PRO B 160 -19.79 3.55 29.54
CA PRO B 160 -18.66 3.39 28.61
C PRO B 160 -19.10 3.00 27.20
N PHE B 161 -18.33 3.45 26.21
CA PHE B 161 -18.48 3.07 24.81
C PHE B 161 -18.46 1.54 24.66
N ARG B 162 -19.40 1.00 23.88
CA ARG B 162 -19.47 -0.45 23.65
C ARG B 162 -18.94 -0.72 22.26
N PHE B 163 -17.83 -1.46 22.18
CA PHE B 163 -17.16 -1.64 20.90
C PHE B 163 -16.44 -3.00 20.85
N GLY B 164 -16.36 -3.59 19.67
CA GLY B 164 -15.80 -4.92 19.55
C GLY B 164 -15.27 -5.22 18.17
N THR B 165 -14.60 -6.35 18.05
CA THR B 165 -14.13 -6.81 16.76
C THR B 165 -14.55 -8.28 16.63
N VAL B 166 -14.21 -8.88 15.51
CA VAL B 166 -14.32 -10.34 15.37
C VAL B 166 -12.95 -10.91 15.76
N PRO B 167 -12.92 -11.73 16.82
CA PRO B 167 -11.61 -12.13 17.36
C PRO B 167 -10.81 -13.04 16.42
N ASN B 168 -9.51 -13.17 16.73
CA ASN B 168 -8.61 -14.16 16.13
C ASN B 168 -8.01 -13.82 14.79
N GLY B 169 -8.23 -12.60 14.31
CA GLY B 169 -7.65 -12.19 13.05
C GLY B 169 -6.62 -11.10 13.26
N SER B 170 -6.16 -10.51 12.16
CA SER B 170 -5.12 -9.50 12.22
C SER B 170 -5.55 -8.30 13.06
N THR B 171 -6.82 -7.95 13.03
CA THR B 171 -7.26 -6.76 13.78
C THR B 171 -7.14 -6.96 15.29
N GLU B 172 -7.58 -8.10 15.80
CA GLU B 172 -7.47 -8.32 17.23
C GLU B 172 -6.02 -8.38 17.62
N ARG B 173 -5.20 -8.96 16.75
CA ARG B 173 -3.78 -9.16 17.09
C ARG B 173 -3.10 -7.80 17.25
N ASN B 174 -3.46 -6.88 16.37
CA ASN B 174 -2.92 -5.54 16.42
C ASN B 174 -3.34 -4.82 17.69
N ILE B 175 -4.63 -4.90 18.01
CA ILE B 175 -5.14 -4.24 19.20
C ILE B 175 -4.54 -4.84 20.48
N ARG B 176 -4.41 -6.16 20.53
CA ARG B 176 -3.84 -6.81 21.71
C ARG B 176 -2.41 -6.33 21.97
N ASN B 177 -1.65 -6.15 20.90
CA ASN B 177 -0.26 -5.70 21.00
CA ASN B 177 -0.26 -5.70 21.03
C ASN B 177 -0.13 -4.21 21.34
N ASN B 178 -0.95 -3.39 20.68
CA ASN B 178 -0.83 -1.94 20.82
C ASN B 178 -1.54 -1.32 22.00
N TYR B 179 -2.69 -1.88 22.37
CA TYR B 179 -3.57 -1.22 23.35
C TYR B 179 -4.09 -2.21 24.36
N PRO B 180 -3.22 -2.64 25.29
CA PRO B 180 -3.60 -3.75 26.17
C PRO B 180 -4.89 -3.50 26.96
N TYR B 181 -5.11 -2.30 27.49
CA TYR B 181 -6.32 -2.07 28.29
C TYR B 181 -7.60 -2.11 27.44
N MET B 182 -7.55 -1.43 26.30
CA MET B 182 -8.64 -1.50 25.33
C MET B 182 -8.97 -2.94 24.97
N HIS B 183 -7.93 -3.72 24.70
CA HIS B 183 -8.13 -5.09 24.27
C HIS B 183 -8.86 -5.95 25.29
N GLN B 184 -8.40 -5.90 26.54
CA GLN B 184 -9.01 -6.72 27.57
C GLN B 184 -10.43 -6.23 27.89
N TYR B 185 -10.67 -4.95 27.63
CA TYR B 185 -12.03 -4.43 27.76
C TYR B 185 -12.93 -4.94 26.63
N MET B 186 -12.40 -4.95 25.40
CA MET B 186 -13.21 -5.26 24.21
C MET B 186 -13.71 -6.67 24.15
N THR B 187 -13.01 -7.58 24.83
CA THR B 187 -13.29 -8.99 24.61
C THR B 187 -14.73 -9.33 24.95
N ARG B 188 -15.30 -8.58 25.89
CA ARG B 188 -16.70 -8.81 26.26
C ARG B 188 -17.66 -8.48 25.13
N PHE B 189 -17.22 -7.70 24.15
CA PHE B 189 -18.05 -7.38 23.00
C PHE B 189 -17.64 -8.12 21.72
N ASN B 190 -16.84 -9.17 21.85
CA ASN B 190 -16.46 -10.00 20.70
C ASN B 190 -17.67 -10.37 19.87
N GLN B 191 -17.58 -10.23 18.56
CA GLN B 191 -18.69 -10.56 17.66
C GLN B 191 -18.32 -11.82 16.92
N ARG B 192 -19.29 -12.70 16.67
CA ARG B 192 -18.97 -13.99 16.04
C ARG B 192 -18.57 -13.80 14.59
N GLY B 193 -19.09 -12.74 13.97
CA GLY B 193 -18.77 -12.49 12.57
C GLY B 193 -19.28 -11.12 12.18
N VAL B 194 -18.92 -10.70 10.98
CA VAL B 194 -19.31 -9.38 10.47
C VAL B 194 -20.82 -9.18 10.47
N GLU B 195 -21.60 -10.15 9.99
CA GLU B 195 -23.05 -9.96 9.93
C GLU B 195 -23.64 -9.72 11.32
N ASP B 196 -23.23 -10.54 12.29
CA ASP B 196 -23.65 -10.33 13.68
C ASP B 196 -23.33 -8.90 14.13
N ALA B 197 -22.11 -8.43 13.82
CA ALA B 197 -21.68 -7.11 14.28
C ALA B 197 -22.52 -5.97 13.71
N LEU B 198 -22.83 -6.03 12.41
CA LEU B 198 -23.66 -5.00 11.77
C LEU B 198 -25.06 -4.99 12.39
N VAL B 199 -25.61 -6.17 12.66
CA VAL B 199 -26.90 -6.24 13.39
C VAL B 199 -26.79 -5.60 14.78
N SER B 200 -25.70 -5.90 15.49
CA SER B 200 -25.49 -5.29 16.79
C SER B 200 -25.46 -3.77 16.68
N LEU B 201 -24.75 -3.24 15.69
CA LEU B 201 -24.68 -1.79 15.50
C LEU B 201 -26.03 -1.18 15.20
N LYS B 202 -26.77 -1.82 14.29
CA LYS B 202 -28.01 -1.22 13.78
C LYS B 202 -29.13 -1.17 14.82
N THR B 203 -29.05 -2.06 15.79
CA THR B 203 -30.08 -2.15 16.82
C THR B 203 -29.59 -1.55 18.12
N GLY B 204 -28.43 -0.90 18.07
CA GLY B 204 -27.92 -0.18 19.23
C GLY B 204 -27.29 -1.00 20.33
N LYS B 205 -26.95 -2.26 20.04
CA LYS B 205 -26.30 -3.08 21.06
C LYS B 205 -24.81 -2.82 21.09
N LEU B 206 -24.31 -2.17 20.06
CA LEU B 206 -22.89 -1.88 19.95
C LEU B 206 -22.75 -0.46 19.42
N ASP B 207 -21.78 0.27 19.94
CA ASP B 207 -21.54 1.64 19.47
C ASP B 207 -20.55 1.70 18.31
N ALA B 208 -19.58 0.79 18.29
CA ALA B 208 -18.57 0.79 17.23
C ALA B 208 -18.09 -0.62 16.93
N PHE B 209 -17.72 -0.87 15.68
CA PHE B 209 -17.19 -2.17 15.28
C PHE B 209 -15.82 -1.95 14.64
N ILE B 210 -14.78 -2.53 15.22
CA ILE B 210 -13.43 -2.29 14.71
C ILE B 210 -13.05 -3.51 13.88
N TYR B 211 -12.63 -3.29 12.64
CA TYR B 211 -12.39 -4.42 11.74
C TYR B 211 -11.62 -4.00 10.50
N ASP B 212 -11.27 -5.00 9.70
CA ASP B 212 -10.61 -4.84 8.42
C ASP B 212 -11.22 -3.73 7.59
N ALA B 213 -10.38 -2.83 7.10
CA ALA B 213 -10.85 -1.62 6.41
C ALA B 213 -11.61 -1.92 5.12
N ALA B 214 -11.10 -2.86 4.33
CA ALA B 214 -11.69 -3.07 3.01
C ALA B 214 -13.08 -3.68 3.13
N VAL B 215 -13.25 -4.61 4.05
CA VAL B 215 -14.56 -5.20 4.28
C VAL B 215 -15.53 -4.16 4.84
N LEU B 216 -15.08 -3.34 5.78
CA LEU B 216 -15.98 -2.31 6.33
C LEU B 216 -16.37 -1.28 5.26
N ASN B 217 -15.44 -0.92 4.40
CA ASN B 217 -15.78 0.04 3.35
C ASN B 217 -16.80 -0.56 2.39
N TYR B 218 -16.72 -1.87 2.16
CA TYR B 218 -17.70 -2.56 1.34
C TYR B 218 -19.07 -2.58 2.00
N LYS B 219 -19.11 -2.88 3.29
CA LYS B 219 -20.37 -2.94 4.02
C LYS B 219 -21.02 -1.56 4.14
N ALA B 220 -20.20 -0.54 4.34
CA ALA B 220 -20.70 0.85 4.39
C ALA B 220 -21.36 1.23 3.06
N GLY B 221 -20.81 0.71 1.97
CA GLY B 221 -21.32 1.05 0.64
C GLY B 221 -22.67 0.44 0.33
N ARG B 222 -23.01 -0.65 1.01
CA ARG B 222 -24.24 -1.37 0.74
C ARG B 222 -25.24 -1.27 1.89
N ASP B 223 -24.94 -0.46 2.90
CA ASP B 223 -25.80 -0.40 4.07
C ASP B 223 -27.17 0.22 3.74
N GLU B 224 -28.24 -0.44 4.16
CA GLU B 224 -29.59 0.07 3.92
C GLU B 224 -29.78 1.40 4.62
N GLY B 225 -29.86 2.48 3.85
CA GLY B 225 -30.05 3.80 4.41
C GLY B 225 -28.76 4.60 4.53
N CYS B 226 -27.64 3.93 4.27
CA CYS B 226 -26.32 4.56 4.34
C CYS B 226 -26.12 5.22 5.70
N LYS B 227 -26.54 4.49 6.74
CA LYS B 227 -26.51 4.96 8.11
C LYS B 227 -25.25 4.53 8.87
N LEU B 228 -24.67 3.40 8.47
CA LEU B 228 -23.41 2.95 9.06
C LEU B 228 -22.27 3.40 8.16
N VAL B 229 -21.28 4.05 8.74
CA VAL B 229 -20.16 4.61 8.00
C VAL B 229 -18.86 4.24 8.71
N THR B 230 -17.75 4.35 7.98
CA THR B 230 -16.43 4.23 8.61
C THR B 230 -16.00 5.63 8.99
N ILE B 231 -15.27 5.76 10.09
CA ILE B 231 -14.93 7.09 10.63
C ILE B 231 -13.78 7.81 9.92
N GLY B 232 -13.72 9.14 10.11
CA GLY B 232 -12.60 9.95 9.64
C GLY B 232 -12.58 10.08 8.13
N SER B 233 -13.75 9.96 7.53
CA SER B 233 -13.91 9.82 6.08
C SER B 233 -13.06 8.67 5.58
N GLY B 234 -13.33 7.47 6.09
CA GLY B 234 -12.60 6.29 5.68
C GLY B 234 -11.13 6.32 6.08
N TYR B 235 -10.85 6.71 7.32
CA TYR B 235 -9.49 6.60 7.84
C TYR B 235 -9.09 5.14 8.11
N ILE B 236 -7.78 4.88 8.02
CA ILE B 236 -7.24 3.55 8.18
C ILE B 236 -6.00 3.60 9.08
N PHE B 237 -6.01 2.83 10.17
CA PHE B 237 -4.81 2.65 10.98
C PHE B 237 -4.04 1.43 10.50
N ALA B 238 -2.71 1.48 10.66
CA ALA B 238 -1.83 0.38 10.26
C ALA B 238 -2.14 -0.04 8.82
N THR B 239 -1.95 0.88 7.87
CA THR B 239 -2.22 0.60 6.47
C THR B 239 -1.38 -0.58 6.00
N THR B 240 -2.02 -1.48 5.25
CA THR B 240 -1.37 -2.66 4.75
C THR B 240 -2.20 -3.11 3.56
N GLY B 241 -2.08 -4.36 3.17
CA GLY B 241 -2.95 -4.85 2.11
C GLY B 241 -3.28 -6.32 2.29
N TYR B 242 -4.21 -6.82 1.49
CA TYR B 242 -4.34 -8.25 1.35
C TYR B 242 -3.17 -8.71 0.47
N GLY B 243 -2.59 -9.85 0.81
CA GLY B 243 -1.56 -10.45 0.00
C GLY B 243 -1.80 -11.93 -0.26
N ILE B 244 -1.20 -12.45 -1.31
CA ILE B 244 -1.23 -13.89 -1.53
C ILE B 244 -0.15 -14.46 -0.64
N ALA B 245 -0.49 -15.42 0.23
CA ALA B 245 0.50 -16.06 1.09
C ALA B 245 1.11 -17.24 0.35
N LEU B 246 2.43 -17.35 0.36
CA LEU B 246 3.13 -18.48 -0.25
C LEU B 246 4.11 -19.08 0.75
N GLN B 247 4.57 -20.30 0.48
CA GLN B 247 5.54 -20.93 1.37
C GLN B 247 6.83 -20.15 1.32
N LYS B 248 7.54 -20.11 2.43
CA LYS B 248 8.81 -19.38 2.46
C LYS B 248 9.76 -19.92 1.39
N GLY B 249 10.24 -19.04 0.52
CA GLY B 249 11.14 -19.46 -0.53
C GLY B 249 10.42 -20.03 -1.74
N SER B 250 9.13 -19.73 -1.83
CA SER B 250 8.32 -20.20 -2.94
C SER B 250 8.85 -19.71 -4.27
N PRO B 251 9.00 -20.63 -5.24
CA PRO B 251 9.44 -20.27 -6.59
C PRO B 251 8.33 -19.63 -7.40
N TRP B 252 7.13 -19.54 -6.85
CA TRP B 252 6.03 -18.88 -7.55
C TRP B 252 5.96 -17.39 -7.25
N LYS B 253 6.59 -16.96 -6.15
CA LYS B 253 6.39 -15.59 -5.66
C LYS B 253 6.74 -14.50 -6.68
N ARG B 254 7.90 -14.63 -7.33
CA ARG B 254 8.33 -13.61 -8.27
C ARG B 254 7.35 -13.39 -9.41
N GLN B 255 6.88 -14.46 -10.04
CA GLN B 255 5.98 -14.34 -11.17
C GLN B 255 4.63 -13.80 -10.72
N ILE B 256 4.21 -14.20 -9.52
CA ILE B 256 2.95 -13.73 -8.96
CA ILE B 256 2.95 -13.72 -8.99
C ILE B 256 3.00 -12.23 -8.70
N ASP B 257 4.10 -11.77 -8.11
CA ASP B 257 4.31 -10.34 -7.85
C ASP B 257 4.29 -9.52 -9.12
N LEU B 258 5.09 -9.92 -10.11
CA LEU B 258 5.11 -9.19 -11.38
C LEU B 258 3.73 -9.18 -12.01
N ALA B 259 3.02 -10.30 -11.92
CA ALA B 259 1.67 -10.38 -12.49
C ALA B 259 0.73 -9.38 -11.84
N LEU B 260 0.64 -9.39 -10.50
CA LEU B 260 -0.20 -8.44 -9.78
C LEU B 260 0.16 -7.00 -10.14
N LEU B 261 1.46 -6.70 -10.20
CA LEU B 261 1.89 -5.35 -10.57
C LEU B 261 1.51 -4.99 -12.01
N GLN B 262 1.59 -5.96 -12.91
CA GLN B 262 1.10 -5.74 -14.28
C GLN B 262 -0.41 -5.47 -14.32
N PHE B 263 -1.19 -6.22 -13.55
CA PHE B 263 -2.64 -5.98 -13.49
C PHE B 263 -2.93 -4.57 -13.00
N VAL B 264 -2.19 -4.13 -11.98
CA VAL B 264 -2.42 -2.79 -11.44
C VAL B 264 -2.02 -1.75 -12.47
N GLY B 265 -0.83 -1.92 -13.05
CA GLY B 265 -0.30 -0.95 -13.98
C GLY B 265 -1.12 -0.83 -15.25
N ASP B 266 -1.77 -1.91 -15.65
CA ASP B 266 -2.54 -1.88 -16.87
C ASP B 266 -4.00 -1.54 -16.60
N GLY B 267 -4.29 -1.16 -15.36
CA GLY B 267 -5.63 -0.76 -15.00
C GLY B 267 -6.67 -1.87 -14.96
N GLU B 268 -6.23 -3.12 -14.81
CA GLU B 268 -7.16 -4.24 -14.72
C GLU B 268 -7.78 -4.37 -13.33
N MET B 269 -7.11 -3.82 -12.32
CA MET B 269 -7.63 -3.90 -10.96
C MET B 269 -8.81 -2.97 -10.76
N GLU B 270 -8.81 -1.86 -11.49
CA GLU B 270 -9.88 -0.87 -11.38
C GLU B 270 -11.21 -1.47 -11.80
N GLU B 271 -11.20 -2.30 -12.84
CA GLU B 271 -12.45 -2.88 -13.30
C GLU B 271 -12.96 -3.93 -12.30
N LEU B 272 -12.05 -4.68 -11.68
CA LEU B 272 -12.46 -5.65 -10.66
C LEU B 272 -13.07 -4.92 -9.46
N GLU B 273 -12.49 -3.78 -9.13
CA GLU B 273 -13.00 -2.96 -8.05
C GLU B 273 -14.44 -2.45 -8.31
N THR B 274 -14.67 -1.89 -9.50
CA THR B 274 -16.01 -1.44 -9.84
C THR B 274 -16.98 -2.63 -9.91
N LEU B 275 -16.45 -3.75 -10.37
CA LEU B 275 -17.23 -4.98 -10.52
C LEU B 275 -17.73 -5.54 -9.18
N TRP B 276 -16.87 -5.55 -8.17
CA TRP B 276 -17.16 -6.25 -6.92
C TRP B 276 -17.36 -5.36 -5.70
N LEU B 277 -16.74 -4.17 -5.72
CA LEU B 277 -16.56 -3.38 -4.50
C LEU B 277 -17.32 -2.04 -4.49
N THR B 278 -17.96 -1.71 -5.61
CA THR B 278 -18.74 -0.48 -5.74
C THR B 278 -20.05 -0.56 -4.96
N GLY B 279 -20.37 0.48 -4.19
CA GLY B 279 -21.62 0.51 -3.45
C GLY B 279 -22.43 1.77 -3.65
N ILE B 280 -23.74 1.66 -3.40
CA ILE B 280 -24.67 2.79 -3.49
C ILE B 280 -24.25 3.95 -2.59
N CYS B 281 -24.08 3.66 -1.30
CA CYS B 281 -23.63 4.68 -0.35
C CYS B 281 -22.20 5.10 -0.66
N GLY C . 7.04 8.35 -7.11
CA GLY C . 7.77 8.87 -8.28
C GLY C . 8.62 7.77 -8.93
O GLY C . 8.85 6.73 -8.30
OXT GLY C . 9.08 7.92 -10.08
N GLU D . -8.34 -9.86 7.00
CA GLU D . -8.12 -10.20 8.42
C GLU D . -7.04 -11.25 8.58
O GLU D . -6.85 -11.75 9.71
CB GLU D . -9.40 -10.75 9.06
CG GLU D . -10.35 -9.69 9.57
CD GLU D . -9.75 -8.86 10.70
OE1 GLU D . -9.32 -9.43 11.73
OE2 GLU D . -9.74 -7.62 10.58
OXT GLU D . -6.38 -11.64 7.62
#